data_1T25
#
_entry.id   1T25
#
_cell.length_a   81.241
_cell.length_b   87.185
_cell.length_c   92.094
_cell.angle_alpha   90.00
_cell.angle_beta   90.00
_cell.angle_gamma   90.00
#
_symmetry.space_group_name_H-M   'I 2 2 2'
#
loop_
_entity.id
_entity.type
_entity.pdbx_description
1 polymer 'L-lactate dehydrogenase'
2 non-polymer '1,4-DIHYDRONICOTINAMIDE ADENINE DINUCLEOTIDE'
3 non-polymer '3-HYDROXYISOXAZOLE-4-CARBOXYLIC ACID'
4 non-polymer GLYCEROL
5 water water
#
_entity_poly.entity_id   1
_entity_poly.type   'polypeptide(L)'
_entity_poly.pdbx_seq_one_letter_code
;MAPKAKIVLVGSGMIGGVMATLIVQKNLGDVVLFDIVKNMPHGKALDTSHTNVMAYSNCKVSGSNTYDDLAGADVVIVTA
GFTKAPGKSDKEWNRDDLLPLNNKIMIEIGGHIKKNCPNAFIIVVTNPVDVMVQLLHQHSGVPKNKIIGLGGVLDTSRLK
YYISQKLNVCPRDVNAHIVGAHGNKMVLLKRYITVGGIPLQEFINNKLISDAELEAIFDRTVNTALEIVNLHASPYVAPA
AAIIEMAESYLKDLKKVLICSTLLEGQYGHSDIFGGTPVVLGANGVEQVIELQLNSEEKAKFDEAIAETKRMKALAHHHH
HH
;
_entity_poly.pdbx_strand_id   A
#
loop_
_chem_comp.id
_chem_comp.type
_chem_comp.name
_chem_comp.formula
GAG non-polymer '3-HYDROXYISOXAZOLE-4-CARBOXYLIC ACID' 'C4 H3 N O4'
GOL non-polymer GLYCEROL 'C3 H8 O3'
NAI non-polymer '1,4-DIHYDRONICOTINAMIDE ADENINE DINUCLEOTIDE' 'C21 H29 N7 O14 P2'
#
# COMPACT_ATOMS: atom_id res chain seq x y z
N ALA A 2 -22.29 -6.52 -12.86
CA ALA A 2 -22.66 -6.65 -14.30
C ALA A 2 -21.43 -6.82 -15.20
N PRO A 3 -20.70 -7.91 -15.03
CA PRO A 3 -20.93 -8.87 -13.95
C PRO A 3 -19.99 -8.38 -12.86
N LYS A 4 -20.24 -8.70 -11.61
CA LYS A 4 -19.39 -8.21 -10.54
C LYS A 4 -17.90 -8.51 -10.79
N ALA A 5 -17.02 -7.63 -10.36
CA ALA A 5 -15.60 -7.97 -10.34
C ALA A 5 -15.33 -9.10 -9.33
N LYS A 6 -14.27 -9.88 -9.58
CA LYS A 6 -13.77 -10.89 -8.66
C LYS A 6 -12.43 -10.41 -8.06
N ILE A 7 -12.36 -10.32 -6.72
CA ILE A 7 -11.21 -9.77 -6.01
C ILE A 7 -10.63 -10.88 -5.16
N VAL A 8 -9.41 -11.29 -5.47
CA VAL A 8 -8.75 -12.38 -4.71
C VAL A 8 -7.71 -11.79 -3.75
N LEU A 9 -7.94 -12.03 -2.46
CA LEU A 9 -7.03 -11.64 -1.40
C LEU A 9 -6.07 -12.82 -1.15
N VAL A 10 -4.86 -12.71 -1.69
CA VAL A 10 -3.82 -13.73 -1.50
C VAL A 10 -3.14 -13.40 -0.17
N GLY A 11 -3.63 -14.06 0.88
CA GLY A 11 -3.28 -13.80 2.27
C GLY A 11 -4.55 -13.37 3.04
N SER A 12 -4.94 -14.15 4.04
CA SER A 12 -6.18 -13.92 4.79
C SER A 12 -5.95 -13.64 6.30
N GLY A 13 -4.88 -12.90 6.60
CA GLY A 13 -4.56 -12.53 7.98
C GLY A 13 -5.26 -11.25 8.42
N MET A 14 -4.56 -10.42 9.22
CA MET A 14 -5.20 -9.24 9.79
C MET A 14 -5.62 -8.25 8.70
N ILE A 15 -4.72 -7.90 7.79
CA ILE A 15 -5.06 -6.92 6.74
C ILE A 15 -6.13 -7.52 5.79
N GLY A 16 -5.98 -8.79 5.42
CA GLY A 16 -6.97 -9.47 4.60
C GLY A 16 -8.40 -9.41 5.19
N GLY A 17 -8.55 -9.65 6.49
CA GLY A 17 -9.85 -9.57 7.11
C GLY A 17 -10.52 -8.19 7.04
N VAL A 18 -9.76 -7.13 7.33
CA VAL A 18 -10.34 -5.77 7.24
C VAL A 18 -10.70 -5.43 5.78
N MET A 19 -9.85 -5.83 4.83
CA MET A 19 -10.15 -5.60 3.41
C MET A 19 -11.47 -6.29 3.00
N ALA A 20 -11.68 -7.55 3.36
CA ALA A 20 -12.94 -8.25 3.05
C ALA A 20 -14.15 -7.50 3.65
N THR A 21 -14.03 -7.07 4.91
CA THR A 21 -15.09 -6.27 5.54
C THR A 21 -15.43 -5.01 4.77
N LEU A 22 -14.42 -4.26 4.35
CA LEU A 22 -14.64 -2.95 3.70
C LEU A 22 -15.21 -3.13 2.26
N ILE A 23 -14.79 -4.21 1.59
CA ILE A 23 -15.31 -4.52 0.26
C ILE A 23 -16.83 -4.75 0.32
N VAL A 24 -17.29 -5.53 1.30
CA VAL A 24 -18.72 -5.77 1.50
C VAL A 24 -19.44 -4.47 1.84
N GLN A 25 -18.86 -3.65 2.72
CA GLN A 25 -19.47 -2.36 3.08
C GLN A 25 -19.69 -1.47 1.84
N LYS A 26 -18.73 -1.48 0.93
CA LYS A 26 -18.76 -0.69 -0.30
C LYS A 26 -19.35 -1.39 -1.54
N ASN A 27 -19.80 -2.64 -1.38
CA ASN A 27 -20.36 -3.46 -2.46
C ASN A 27 -19.44 -3.50 -3.70
N LEU A 28 -18.11 -3.65 -3.50
CA LEU A 28 -17.13 -3.52 -4.57
C LEU A 28 -16.98 -4.70 -5.53
N GLY A 29 -17.28 -5.90 -5.04
CA GLY A 29 -17.20 -7.13 -5.80
C GLY A 29 -17.19 -8.39 -4.96
N ASP A 30 -17.22 -9.55 -5.64
CA ASP A 30 -17.09 -10.84 -4.96
C ASP A 30 -15.67 -10.98 -4.42
N VAL A 31 -15.54 -11.64 -3.27
CA VAL A 31 -14.26 -11.80 -2.58
C VAL A 31 -13.87 -13.24 -2.32
N VAL A 32 -12.60 -13.54 -2.57
CA VAL A 32 -12.00 -14.82 -2.18
C VAL A 32 -10.87 -14.56 -1.17
N LEU A 33 -10.98 -15.15 0.02
CA LEU A 33 -9.94 -15.10 1.02
C LEU A 33 -9.12 -16.39 0.86
N PHE A 34 -7.94 -16.27 0.23
CA PHE A 34 -7.00 -17.36 0.02
C PHE A 34 -5.89 -17.35 1.07
N ASP A 35 -5.48 -18.52 1.54
CA ASP A 35 -4.37 -18.60 2.50
C ASP A 35 -3.86 -20.05 2.50
N ILE A 36 -2.66 -20.25 3.05
CA ILE A 36 -2.13 -21.61 3.19
C ILE A 36 -2.64 -22.30 4.47
N VAL A 37 -3.11 -21.51 5.44
CA VAL A 37 -3.62 -22.08 6.68
C VAL A 37 -4.97 -22.80 6.43
N LYS A 38 -5.09 -24.06 6.83
CA LYS A 38 -6.34 -24.79 6.66
C LYS A 38 -7.48 -24.21 7.52
N ASN A 39 -8.69 -24.23 6.98
CA ASN A 39 -9.92 -23.89 7.72
C ASN A 39 -10.14 -22.37 7.99
N MET A 40 -9.13 -21.69 8.50
CA MET A 40 -9.27 -20.27 8.90
C MET A 40 -9.97 -19.32 7.87
N PRO A 41 -9.53 -19.29 6.61
CA PRO A 41 -10.18 -18.37 5.66
C PRO A 41 -11.67 -18.68 5.45
N HIS A 42 -12.05 -19.95 5.55
CA HIS A 42 -13.46 -20.35 5.43
C HIS A 42 -14.27 -19.77 6.60
N GLY A 43 -13.69 -19.80 7.80
CA GLY A 43 -14.34 -19.22 8.96
C GLY A 43 -14.50 -17.71 8.87
N LYS A 44 -13.44 -16.98 8.48
CA LYS A 44 -13.52 -15.52 8.31
C LYS A 44 -14.51 -15.12 7.20
N ALA A 45 -14.51 -15.89 6.12
CA ALA A 45 -15.43 -15.65 5.00
C ALA A 45 -16.89 -15.76 5.42
N LEU A 46 -17.19 -16.82 6.17
CA LEU A 46 -18.55 -17.06 6.65
C LEU A 46 -19.05 -15.92 7.53
N ASP A 47 -18.24 -15.56 8.55
CA ASP A 47 -18.55 -14.43 9.42
C ASP A 47 -18.82 -13.16 8.58
N THR A 48 -17.90 -12.82 7.70
CA THR A 48 -18.01 -11.63 6.88
C THR A 48 -19.19 -11.66 5.95
N SER A 49 -19.53 -12.82 5.39
CA SER A 49 -20.65 -12.91 4.44
C SER A 49 -22.00 -12.43 5.01
N HIS A 50 -22.22 -12.61 6.32
CA HIS A 50 -23.48 -12.23 6.94
C HIS A 50 -23.71 -10.71 6.94
N THR A 51 -22.63 -9.92 6.82
CA THR A 51 -22.73 -8.44 6.85
C THR A 51 -23.40 -7.86 5.61
N ASN A 52 -23.55 -8.68 4.55
CA ASN A 52 -24.31 -8.26 3.37
C ASN A 52 -25.70 -7.77 3.79
N VAL A 53 -26.29 -8.40 4.81
CA VAL A 53 -27.62 -8.01 5.26
C VAL A 53 -27.57 -6.59 5.85
N MET A 54 -26.73 -6.36 6.87
CA MET A 54 -26.63 -5.06 7.50
C MET A 54 -26.22 -3.94 6.51
N ALA A 55 -25.47 -4.30 5.47
CA ALA A 55 -24.87 -3.33 4.55
C ALA A 55 -25.72 -3.01 3.28
N TYR A 56 -26.79 -3.78 3.08
CA TYR A 56 -27.64 -3.75 1.85
C TYR A 56 -26.81 -4.05 0.60
N SER A 57 -25.86 -4.97 0.74
CA SER A 57 -24.98 -5.34 -0.34
C SER A 57 -25.30 -6.74 -0.88
N ASN A 58 -24.60 -7.12 -1.94
CA ASN A 58 -24.73 -8.48 -2.51
C ASN A 58 -23.38 -8.98 -3.09
N CYS A 59 -22.39 -9.16 -2.23
CA CYS A 59 -21.06 -9.66 -2.60
C CYS A 59 -20.80 -11.04 -1.98
N LYS A 60 -20.46 -12.03 -2.79
CA LYS A 60 -20.09 -13.33 -2.22
C LYS A 60 -18.75 -13.20 -1.50
N VAL A 61 -18.58 -13.94 -0.40
CA VAL A 61 -17.30 -14.00 0.30
C VAL A 61 -17.02 -15.47 0.56
N SER A 62 -15.95 -15.99 -0.03
CA SER A 62 -15.64 -17.39 0.09
C SER A 62 -14.19 -17.60 0.47
N GLY A 63 -13.90 -18.68 1.19
CA GLY A 63 -12.55 -19.03 1.59
C GLY A 63 -11.94 -19.99 0.57
N SER A 64 -10.61 -20.11 0.60
CA SER A 64 -9.86 -20.95 -0.33
C SER A 64 -8.48 -21.38 0.20
N ASN A 65 -8.15 -22.64 -0.06
CA ASN A 65 -6.79 -23.15 0.15
C ASN A 65 -6.23 -23.66 -1.20
N THR A 66 -6.79 -23.23 -2.32
CA THR A 66 -6.37 -23.72 -3.65
C THR A 66 -5.94 -22.58 -4.56
N TYR A 67 -4.69 -22.61 -5.02
CA TYR A 67 -4.17 -21.54 -5.89
C TYR A 67 -4.99 -21.30 -7.17
N ASP A 68 -5.55 -22.36 -7.76
CA ASP A 68 -6.29 -22.17 -9.02
C ASP A 68 -7.60 -21.35 -8.87
N ASP A 69 -7.98 -21.04 -7.64
CA ASP A 69 -9.11 -20.12 -7.46
C ASP A 69 -8.75 -18.69 -7.89
N LEU A 70 -7.50 -18.47 -8.30
CA LEU A 70 -7.08 -17.20 -8.91
C LEU A 70 -7.69 -17.02 -10.32
N ALA A 71 -8.12 -18.13 -10.91
CA ALA A 71 -8.70 -18.07 -12.27
C ALA A 71 -9.85 -17.08 -12.33
N GLY A 72 -9.83 -16.19 -13.32
CA GLY A 72 -10.91 -15.23 -13.49
C GLY A 72 -10.80 -13.97 -12.63
N ALA A 73 -9.72 -13.83 -11.86
CA ALA A 73 -9.55 -12.67 -10.98
C ALA A 73 -9.44 -11.37 -11.76
N ASP A 74 -10.10 -10.33 -11.28
CA ASP A 74 -9.99 -9.00 -11.88
C ASP A 74 -8.97 -8.13 -11.12
N VAL A 75 -8.92 -8.30 -9.81
CA VAL A 75 -7.96 -7.61 -8.95
C VAL A 75 -7.36 -8.69 -7.98
N VAL A 76 -6.05 -8.70 -7.80
CA VAL A 76 -5.34 -9.58 -6.87
C VAL A 76 -4.55 -8.70 -5.88
N ILE A 77 -4.79 -8.91 -4.58
CA ILE A 77 -4.15 -8.12 -3.51
C ILE A 77 -3.26 -9.06 -2.66
N VAL A 78 -1.96 -8.81 -2.69
CA VAL A 78 -1.01 -9.74 -2.04
C VAL A 78 -0.46 -9.25 -0.70
N THR A 79 -0.95 -9.86 0.40
CA THR A 79 -0.44 -9.64 1.76
C THR A 79 0.29 -10.85 2.32
N ALA A 80 0.40 -11.92 1.55
CA ALA A 80 1.04 -13.15 2.03
C ALA A 80 2.48 -12.95 2.49
N GLY A 81 2.82 -13.51 3.65
CA GLY A 81 4.18 -13.47 4.14
C GLY A 81 4.20 -13.34 5.67
N PHE A 82 5.31 -12.86 6.20
CA PHE A 82 5.51 -12.61 7.62
C PHE A 82 5.54 -11.12 8.04
N THR A 83 5.17 -10.83 9.31
CA THR A 83 5.17 -9.45 9.79
C THR A 83 6.33 -9.13 10.71
N LYS A 84 7.01 -10.16 11.20
CA LYS A 84 8.16 -9.93 12.06
C LYS A 84 9.09 -11.11 11.88
N ALA A 85 10.36 -10.88 12.22
CA ALA A 85 11.41 -11.89 12.10
C ALA A 85 11.57 -12.61 13.43
N PRO A 86 11.69 -13.94 13.38
CA PRO A 86 11.87 -14.74 14.59
C PRO A 86 13.14 -14.33 15.32
N GLY A 87 13.04 -14.08 16.64
CA GLY A 87 14.16 -13.70 17.47
C GLY A 87 14.21 -12.20 17.79
N LYS A 88 13.64 -11.41 16.89
CA LYS A 88 13.68 -9.98 17.04
C LYS A 88 12.71 -9.57 18.13
N SER A 89 13.11 -8.61 18.96
CA SER A 89 12.21 -8.03 19.94
C SER A 89 11.35 -6.97 19.24
N ASP A 90 10.24 -6.57 19.84
CA ASP A 90 9.39 -5.51 19.26
C ASP A 90 10.21 -4.23 19.04
N LYS A 91 11.11 -3.96 19.98
CA LYS A 91 11.93 -2.75 19.94
C LYS A 91 12.87 -2.69 18.73
N GLU A 92 13.30 -3.85 18.22
CA GLU A 92 14.22 -3.91 17.08
C GLU A 92 13.52 -4.31 15.78
N TRP A 93 12.20 -4.14 15.74
CA TRP A 93 11.40 -4.44 14.55
C TRP A 93 11.84 -3.59 13.37
N ASN A 94 12.17 -4.23 12.25
CA ASN A 94 12.61 -3.52 11.06
C ASN A 94 12.09 -4.26 9.81
N ARG A 95 11.51 -3.52 8.88
CA ARG A 95 10.95 -4.12 7.66
C ARG A 95 12.03 -4.85 6.84
N ASP A 96 13.27 -4.39 6.92
CA ASP A 96 14.37 -5.03 6.17
C ASP A 96 14.55 -6.49 6.56
N ASP A 97 14.26 -6.81 7.81
CA ASP A 97 14.51 -8.16 8.28
C ASP A 97 13.51 -9.16 7.69
N LEU A 98 12.51 -8.65 6.98
CA LEU A 98 11.48 -9.50 6.39
C LEU A 98 11.87 -9.96 4.96
N LEU A 99 13.03 -9.52 4.49
CA LEU A 99 13.50 -9.89 3.15
C LEU A 99 13.71 -11.40 2.88
N PRO A 100 14.41 -12.11 3.76
CA PRO A 100 14.67 -13.55 3.53
C PRO A 100 13.43 -14.41 3.72
N LEU A 101 12.48 -13.89 4.48
CA LEU A 101 11.28 -14.64 4.86
C LEU A 101 10.22 -14.66 3.75
N ASN A 102 10.15 -13.57 2.98
CA ASN A 102 9.09 -13.35 1.98
C ASN A 102 9.46 -13.48 0.47
N ASN A 103 10.74 -13.57 0.17
CA ASN A 103 11.22 -13.64 -1.21
C ASN A 103 10.57 -14.74 -2.09
N LYS A 104 10.65 -16.01 -1.64
CA LYS A 104 10.11 -17.17 -2.40
C LYS A 104 8.58 -17.22 -2.52
N ILE A 105 7.93 -16.60 -1.54
CA ILE A 105 6.49 -16.53 -1.56
C ILE A 105 6.05 -15.71 -2.80
N MET A 106 6.72 -14.59 -3.09
CA MET A 106 6.40 -13.81 -4.30
C MET A 106 6.64 -14.61 -5.61
N ILE A 107 7.72 -15.37 -5.66
CA ILE A 107 8.00 -16.14 -6.85
C ILE A 107 6.87 -17.14 -7.10
N GLU A 108 6.48 -17.86 -6.06
CA GLU A 108 5.43 -18.86 -6.15
C GLU A 108 4.09 -18.24 -6.60
N ILE A 109 3.74 -17.13 -5.98
CA ILE A 109 2.47 -16.46 -6.31
C ILE A 109 2.50 -15.95 -7.75
N GLY A 110 3.63 -15.36 -8.17
CA GLY A 110 3.78 -14.91 -9.55
C GLY A 110 3.53 -15.98 -10.60
N GLY A 111 4.08 -17.18 -10.42
CA GLY A 111 3.78 -18.28 -11.33
C GLY A 111 2.31 -18.64 -11.47
N HIS A 112 1.57 -18.60 -10.36
CA HIS A 112 0.13 -18.86 -10.34
C HIS A 112 -0.69 -17.75 -10.99
N ILE A 113 -0.29 -16.48 -10.79
CA ILE A 113 -0.92 -15.37 -11.49
C ILE A 113 -0.73 -15.48 -13.02
N LYS A 114 0.51 -15.78 -13.44
CA LYS A 114 0.81 -15.88 -14.85
C LYS A 114 -0.04 -16.95 -15.54
N LYS A 115 -0.22 -18.05 -14.85
CA LYS A 115 -0.97 -19.17 -15.37
C LYS A 115 -2.48 -18.90 -15.30
N ASN A 116 -2.95 -18.36 -14.18
CA ASN A 116 -4.42 -18.23 -13.94
C ASN A 116 -5.11 -16.89 -14.30
N CYS A 117 -4.45 -15.77 -14.09
CA CYS A 117 -5.10 -14.47 -14.33
C CYS A 117 -4.08 -13.39 -14.82
N PRO A 118 -3.49 -13.60 -16.00
CA PRO A 118 -2.49 -12.67 -16.52
C PRO A 118 -3.02 -11.29 -16.83
N ASN A 119 -4.32 -11.14 -16.98
CA ASN A 119 -4.89 -9.84 -17.23
C ASN A 119 -5.43 -9.10 -15.99
N ALA A 120 -5.15 -9.63 -14.80
CA ALA A 120 -5.58 -8.97 -13.56
C ALA A 120 -4.77 -7.74 -13.17
N PHE A 121 -5.35 -6.86 -12.35
CA PHE A 121 -4.64 -5.69 -11.79
C PHE A 121 -4.12 -6.16 -10.42
N ILE A 122 -2.83 -5.95 -10.16
CA ILE A 122 -2.18 -6.45 -8.95
C ILE A 122 -1.73 -5.34 -7.99
N ILE A 123 -2.02 -5.52 -6.69
CA ILE A 123 -1.55 -4.66 -5.63
C ILE A 123 -0.75 -5.50 -4.66
N VAL A 124 0.53 -5.15 -4.46
CA VAL A 124 1.45 -5.86 -3.56
C VAL A 124 1.62 -5.09 -2.24
N VAL A 125 1.58 -5.80 -1.14
CA VAL A 125 1.66 -5.20 0.21
C VAL A 125 2.85 -5.75 1.01
N THR A 126 3.09 -7.05 0.88
CA THR A 126 4.18 -7.72 1.61
C THR A 126 5.50 -6.96 1.66
N ASN A 127 6.12 -6.89 2.85
CA ASN A 127 7.37 -6.13 3.03
C ASN A 127 8.67 -6.92 2.80
N PRO A 128 9.76 -6.25 2.39
CA PRO A 128 9.83 -4.81 2.10
C PRO A 128 9.20 -4.54 0.76
N VAL A 129 8.14 -3.71 0.76
CA VAL A 129 7.24 -3.59 -0.39
C VAL A 129 7.86 -3.17 -1.73
N ASP A 130 8.78 -2.21 -1.73
CA ASP A 130 9.38 -1.74 -2.99
C ASP A 130 10.27 -2.80 -3.69
N VAL A 131 10.81 -3.73 -2.89
CA VAL A 131 11.51 -4.90 -3.42
C VAL A 131 10.54 -6.00 -3.91
N MET A 132 9.59 -6.39 -3.05
CA MET A 132 8.62 -7.46 -3.35
C MET A 132 7.76 -7.17 -4.56
N VAL A 133 7.36 -5.91 -4.77
CA VAL A 133 6.49 -5.59 -5.89
C VAL A 133 7.23 -5.84 -7.21
N GLN A 134 8.51 -5.50 -7.29
CA GLN A 134 9.27 -5.69 -8.54
C GLN A 134 9.54 -7.17 -8.79
N LEU A 135 9.77 -7.90 -7.72
CA LEU A 135 9.98 -9.34 -7.81
C LEU A 135 8.70 -10.00 -8.41
N LEU A 136 7.53 -9.62 -7.89
CA LEU A 136 6.27 -10.15 -8.39
C LEU A 136 5.98 -9.71 -9.84
N HIS A 137 6.33 -8.48 -10.17
CA HIS A 137 6.20 -7.99 -11.54
C HIS A 137 6.97 -8.93 -12.49
N GLN A 138 8.22 -9.22 -12.15
CA GLN A 138 9.10 -10.04 -13.02
C GLN A 138 8.59 -11.49 -13.15
N HIS A 139 8.12 -12.09 -12.05
CA HIS A 139 7.67 -13.48 -12.08
C HIS A 139 6.22 -13.71 -12.56
N SER A 140 5.38 -12.67 -12.51
CA SER A 140 4.00 -12.78 -12.98
C SER A 140 3.84 -12.46 -14.49
N GLY A 141 4.76 -11.66 -15.02
CA GLY A 141 4.74 -11.29 -16.43
C GLY A 141 3.78 -10.20 -16.81
N VAL A 142 3.07 -9.60 -15.84
CA VAL A 142 2.06 -8.58 -16.17
C VAL A 142 2.70 -7.28 -16.69
N PRO A 143 1.95 -6.52 -17.48
CA PRO A 143 2.45 -5.21 -17.95
C PRO A 143 2.70 -4.22 -16.78
N LYS A 144 3.64 -3.30 -17.00
CA LYS A 144 4.05 -2.35 -15.96
C LYS A 144 2.91 -1.45 -15.50
N ASN A 145 1.89 -1.26 -16.32
CA ASN A 145 0.73 -0.45 -15.93
C ASN A 145 -0.30 -1.23 -15.11
N LYS A 146 -0.06 -2.53 -14.86
CA LYS A 146 -1.02 -3.40 -14.14
C LYS A 146 -0.57 -3.88 -12.75
N ILE A 147 0.55 -3.38 -12.22
CA ILE A 147 1.03 -3.73 -10.88
C ILE A 147 1.56 -2.53 -10.13
N ILE A 148 1.15 -2.37 -8.86
CA ILE A 148 1.67 -1.32 -7.98
C ILE A 148 1.88 -1.87 -6.56
N GLY A 149 2.59 -1.09 -5.74
CA GLY A 149 2.78 -1.41 -4.33
C GLY A 149 2.22 -0.37 -3.37
N LEU A 150 1.71 -0.81 -2.21
CA LEU A 150 1.24 0.07 -1.14
C LEU A 150 2.41 0.81 -0.48
N GLY A 151 2.25 2.10 -0.24
CA GLY A 151 3.22 2.88 0.52
C GLY A 151 2.70 4.28 0.84
N GLY A 152 2.79 5.17 -0.14
CA GLY A 152 2.45 6.57 0.07
C GLY A 152 1.05 6.93 0.59
N VAL A 153 0.00 6.21 0.15
CA VAL A 153 -1.35 6.51 0.64
C VAL A 153 -1.41 6.31 2.16
N LEU A 154 -0.79 5.24 2.62
CA LEU A 154 -0.73 4.95 4.05
C LEU A 154 0.17 5.93 4.79
N ASP A 155 1.41 6.12 4.35
CA ASP A 155 2.35 7.05 5.03
C ASP A 155 1.77 8.50 5.13
N THR A 156 1.22 9.01 4.02
CA THR A 156 0.67 10.36 4.04
C THR A 156 -0.61 10.49 4.86
N SER A 157 -1.38 9.41 5.02
CA SER A 157 -2.58 9.46 5.85
C SER A 157 -2.19 9.87 7.28
N ARG A 158 -1.03 9.39 7.72
CA ARG A 158 -0.55 9.70 9.05
C ARG A 158 -0.13 11.16 9.15
N LEU A 159 0.68 11.61 8.20
CA LEU A 159 1.14 12.99 8.18
C LEU A 159 -0.04 13.99 8.08
N LYS A 160 -0.95 13.71 7.13
CA LYS A 160 -2.17 14.50 6.94
C LYS A 160 -3.00 14.55 8.23
N TYR A 161 -3.23 13.39 8.85
CA TYR A 161 -4.02 13.32 10.09
C TYR A 161 -3.42 14.16 11.24
N TYR A 162 -2.12 13.97 11.52
CA TYR A 162 -1.44 14.65 12.65
C TYR A 162 -1.49 16.19 12.49
N ILE A 163 -1.27 16.66 11.27
CA ILE A 163 -1.37 18.09 11.00
C ILE A 163 -2.82 18.61 11.15
N SER A 164 -3.81 17.84 10.69
CA SER A 164 -5.22 18.25 10.78
C SER A 164 -5.69 18.42 12.23
N GLN A 165 -5.11 17.61 13.14
CA GLN A 165 -5.48 17.67 14.54
C GLN A 165 -4.91 18.94 15.17
N LYS A 166 -3.72 19.33 14.76
CA LYS A 166 -3.10 20.54 15.32
C LYS A 166 -3.86 21.78 14.85
N LEU A 167 -4.25 21.80 13.57
CA LEU A 167 -4.88 22.98 12.99
C LEU A 167 -6.42 23.00 13.09
N ASN A 168 -7.00 21.90 13.55
CA ASN A 168 -8.44 21.73 13.65
C ASN A 168 -9.29 21.91 12.41
N VAL A 169 -8.89 21.16 11.38
CA VAL A 169 -9.57 21.15 10.10
C VAL A 169 -9.86 19.68 9.72
N CYS A 170 -10.73 19.48 8.75
CA CYS A 170 -11.08 18.13 8.28
C CYS A 170 -9.83 17.38 7.80
N PRO A 171 -9.58 16.16 8.27
CA PRO A 171 -8.37 15.44 7.86
C PRO A 171 -8.08 15.42 6.35
N ARG A 172 -9.08 15.13 5.51
CA ARG A 172 -8.82 15.06 4.07
C ARG A 172 -8.49 16.42 3.43
N ASP A 173 -8.73 17.51 4.17
CA ASP A 173 -8.35 18.83 3.68
C ASP A 173 -6.82 19.09 3.73
N VAL A 174 -6.06 18.25 4.44
CA VAL A 174 -4.59 18.38 4.43
C VAL A 174 -4.05 17.47 3.31
N ASN A 175 -3.22 17.99 2.40
CA ASN A 175 -2.64 17.17 1.33
C ASN A 175 -1.14 17.21 1.51
N ALA A 176 -0.47 16.12 1.16
CA ALA A 176 0.97 15.97 1.44
C ALA A 176 1.54 14.83 0.62
N HIS A 177 2.87 14.87 0.39
CA HIS A 177 3.61 13.88 -0.44
C HIS A 177 4.79 13.25 0.31
N ILE A 178 4.82 11.93 0.33
CA ILE A 178 5.95 11.13 0.86
C ILE A 178 6.33 10.18 -0.28
N VAL A 179 7.61 10.16 -0.67
CA VAL A 179 8.04 9.46 -1.88
C VAL A 179 9.32 8.60 -1.70
N GLY A 180 9.73 7.93 -2.77
CA GLY A 180 10.96 7.13 -2.77
C GLY A 180 10.76 5.68 -2.39
N ALA A 181 10.52 5.41 -1.10
CA ALA A 181 10.26 4.05 -0.63
C ALA A 181 9.41 4.08 0.64
N HIS A 182 8.72 2.95 0.92
CA HIS A 182 8.00 2.77 2.18
C HIS A 182 8.95 2.12 3.17
N GLY A 183 9.36 2.86 4.18
CA GLY A 183 10.28 2.37 5.19
C GLY A 183 10.99 3.55 5.82
N ASN A 184 12.03 3.26 6.62
CA ASN A 184 12.74 4.30 7.39
C ASN A 184 13.42 5.41 6.53
N LYS A 185 13.65 5.17 5.24
CA LYS A 185 14.21 6.21 4.36
C LYS A 185 13.12 6.95 3.56
N MET A 186 11.86 6.83 3.99
CA MET A 186 10.78 7.50 3.25
C MET A 186 11.12 9.01 3.20
N VAL A 187 10.77 9.68 2.09
CA VAL A 187 11.10 11.11 1.91
C VAL A 187 9.89 11.99 2.13
N LEU A 188 9.87 12.76 3.23
CA LEU A 188 8.74 13.64 3.56
C LEU A 188 9.04 15.02 3.01
N LEU A 189 8.18 15.49 2.10
CA LEU A 189 8.38 16.73 1.37
C LEU A 189 7.65 17.96 1.96
N LYS A 190 8.29 18.67 2.88
CA LYS A 190 7.72 19.84 3.55
C LYS A 190 7.13 20.87 2.57
N ARG A 191 7.84 21.12 1.46
CA ARG A 191 7.45 22.12 0.42
C ARG A 191 6.12 21.81 -0.27
N TYR A 192 5.68 20.56 -0.27
CA TYR A 192 4.47 20.14 -0.96
C TYR A 192 3.31 19.85 0.01
N ILE A 193 3.32 20.45 1.21
CA ILE A 193 2.18 20.31 2.11
C ILE A 193 1.19 21.50 1.90
N THR A 194 -0.10 21.19 1.79
CA THR A 194 -1.16 22.22 1.72
C THR A 194 -2.27 21.93 2.70
N VAL A 195 -3.02 22.98 3.09
CA VAL A 195 -4.14 22.86 3.99
C VAL A 195 -5.25 23.60 3.30
N GLY A 196 -6.32 22.94 2.94
CA GLY A 196 -7.36 23.61 2.15
C GLY A 196 -6.85 24.15 0.79
N GLY A 197 -5.84 23.49 0.21
CA GLY A 197 -5.21 23.94 -1.04
C GLY A 197 -4.21 25.09 -0.89
N ILE A 198 -4.04 25.54 0.35
CA ILE A 198 -3.17 26.66 0.67
C ILE A 198 -1.80 26.17 1.18
N PRO A 199 -0.71 26.80 0.74
CA PRO A 199 0.63 26.39 1.19
C PRO A 199 0.73 26.37 2.71
N LEU A 200 1.25 25.27 3.29
CA LEU A 200 1.41 25.18 4.74
C LEU A 200 2.25 26.33 5.30
N GLN A 201 3.20 26.84 4.51
CA GLN A 201 4.05 27.96 4.96
C GLN A 201 3.23 29.17 5.43
N GLU A 202 2.04 29.41 4.85
CA GLU A 202 1.18 30.51 5.32
C GLU A 202 0.74 30.36 6.80
N PHE A 203 0.44 29.11 7.20
CA PHE A 203 0.03 28.77 8.56
C PHE A 203 1.25 28.84 9.53
N ILE A 204 2.45 28.60 9.00
CA ILE A 204 3.69 28.72 9.78
C ILE A 204 3.96 30.21 10.00
N ASN A 205 3.84 31.02 8.94
CA ASN A 205 4.03 32.48 9.05
C ASN A 205 3.09 33.13 10.08
N ASN A 206 1.86 32.60 10.19
CA ASN A 206 0.83 33.09 11.12
C ASN A 206 0.91 32.51 12.54
N LYS A 207 1.93 31.70 12.82
CA LYS A 207 2.15 31.08 14.14
C LYS A 207 1.05 30.10 14.58
N LEU A 208 0.36 29.52 13.60
CA LEU A 208 -0.73 28.56 13.85
C LEU A 208 -0.14 27.16 14.05
N ILE A 209 1.03 26.94 13.46
CA ILE A 209 1.83 25.73 13.64
C ILE A 209 3.31 26.14 13.44
N SER A 210 4.23 25.65 14.29
CA SER A 210 5.63 26.05 14.14
C SER A 210 6.47 25.03 13.36
N ASP A 211 7.66 25.45 12.93
CA ASP A 211 8.63 24.57 12.28
C ASP A 211 9.04 23.45 13.19
N ALA A 212 9.20 23.72 14.49
CA ALA A 212 9.57 22.70 15.47
C ALA A 212 8.46 21.64 15.66
N GLU A 213 7.22 22.11 15.66
CA GLU A 213 6.06 21.21 15.80
C GLU A 213 6.05 20.26 14.58
N LEU A 214 6.35 20.80 13.40
CA LEU A 214 6.35 20.00 12.17
C LEU A 214 7.47 18.96 12.18
N GLU A 215 8.66 19.34 12.64
CA GLU A 215 9.74 18.37 12.76
C GLU A 215 9.30 17.17 13.65
N ALA A 216 8.61 17.44 14.74
CA ALA A 216 8.19 16.38 15.64
C ALA A 216 7.13 15.49 14.94
N ILE A 217 6.21 16.10 14.21
CA ILE A 217 5.21 15.37 13.42
C ILE A 217 5.88 14.49 12.32
N PHE A 218 6.93 14.99 11.67
CA PHE A 218 7.65 14.21 10.66
C PHE A 218 8.27 12.94 11.31
N ASP A 219 8.94 13.12 12.44
CA ASP A 219 9.54 11.98 13.14
C ASP A 219 8.45 10.97 13.56
N ARG A 220 7.31 11.47 14.05
CA ARG A 220 6.21 10.60 14.45
C ARG A 220 5.68 9.77 13.25
N THR A 221 5.59 10.43 12.09
CA THR A 221 5.11 9.77 10.87
C THR A 221 6.00 8.62 10.50
N VAL A 222 7.31 8.87 10.41
CA VAL A 222 8.27 7.82 10.05
C VAL A 222 8.20 6.64 11.03
N ASN A 223 8.10 6.93 12.32
CA ASN A 223 8.07 5.89 13.36
C ASN A 223 6.67 5.35 13.77
N THR A 224 5.60 5.65 13.03
CA THR A 224 4.26 5.22 13.46
C THR A 224 4.05 3.70 13.61
N ALA A 225 4.54 2.94 12.64
CA ALA A 225 4.33 1.52 12.65
C ALA A 225 5.04 0.94 13.91
N LEU A 226 6.24 1.45 14.17
CA LEU A 226 7.03 1.04 15.35
C LEU A 226 6.28 1.39 16.64
N GLU A 227 5.76 2.61 16.71
CA GLU A 227 4.98 3.08 17.84
C GLU A 227 3.78 2.13 18.12
N ILE A 228 3.08 1.70 17.07
CA ILE A 228 1.91 0.86 17.24
C ILE A 228 2.33 -0.57 17.58
N VAL A 229 3.36 -1.06 16.89
CA VAL A 229 3.85 -2.43 17.07
C VAL A 229 4.21 -2.66 18.50
N ASN A 230 4.68 -1.61 19.16
CA ASN A 230 5.11 -1.73 20.52
C ASN A 230 3.96 -1.66 21.51
N LEU A 231 2.88 -0.98 21.11
CA LEU A 231 1.69 -0.84 21.95
C LEU A 231 0.72 -2.01 21.75
N HIS A 232 0.70 -2.62 20.56
CA HIS A 232 -0.35 -3.55 20.12
C HIS A 232 0.16 -4.61 19.10
N ALA A 233 0.32 -4.22 17.82
CA ALA A 233 0.68 -5.19 16.77
C ALA A 233 1.07 -4.49 15.46
N SER A 234 1.65 -5.24 14.53
CA SER A 234 1.90 -4.67 13.20
C SER A 234 0.53 -4.12 12.71
N PRO A 235 0.43 -2.81 12.44
CA PRO A 235 -0.83 -2.12 12.05
C PRO A 235 -1.59 -2.81 10.92
N TYR A 236 -2.92 -2.74 10.91
CA TYR A 236 -3.71 -3.43 9.88
C TYR A 236 -4.93 -2.67 9.42
N VAL A 237 -5.55 -1.87 10.30
CA VAL A 237 -6.76 -1.15 9.90
C VAL A 237 -6.48 -0.04 8.87
N ALA A 238 -5.52 0.85 9.08
CA ALA A 238 -5.24 1.90 8.08
C ALA A 238 -4.64 1.32 6.78
N PRO A 239 -3.70 0.39 6.90
CA PRO A 239 -3.20 -0.29 5.71
C PRO A 239 -4.34 -0.82 4.82
N ALA A 240 -5.31 -1.52 5.42
CA ALA A 240 -6.45 -2.05 4.72
C ALA A 240 -7.26 -0.93 4.00
N ALA A 241 -7.57 0.13 4.72
CA ALA A 241 -8.31 1.24 4.15
C ALA A 241 -7.58 1.91 2.97
N ALA A 242 -6.26 2.05 3.10
CA ALA A 242 -5.44 2.60 2.01
C ALA A 242 -5.48 1.70 0.79
N ILE A 243 -5.36 0.37 0.96
CA ILE A 243 -5.42 -0.56 -0.17
C ILE A 243 -6.78 -0.50 -0.87
N ILE A 244 -7.86 -0.48 -0.09
CA ILE A 244 -9.18 -0.39 -0.70
C ILE A 244 -9.42 0.93 -1.45
N GLU A 245 -8.85 2.04 -0.98
CA GLU A 245 -9.01 3.28 -1.75
C GLU A 245 -8.34 3.12 -3.11
N MET A 246 -7.16 2.49 -3.14
CA MET A 246 -6.47 2.23 -4.41
C MET A 246 -7.29 1.32 -5.33
N ALA A 247 -7.78 0.19 -4.80
CA ALA A 247 -8.54 -0.79 -5.62
C ALA A 247 -9.85 -0.19 -6.17
N GLU A 248 -10.49 0.63 -5.32
CA GLU A 248 -11.73 1.31 -5.69
C GLU A 248 -11.53 2.29 -6.87
N SER A 249 -10.45 3.06 -6.83
CA SER A 249 -10.13 3.99 -7.92
C SER A 249 -9.99 3.26 -9.24
N TYR A 250 -9.35 2.10 -9.20
CA TYR A 250 -9.21 1.24 -10.41
C TYR A 250 -10.60 0.71 -10.86
N LEU A 251 -11.34 0.08 -9.95
CA LEU A 251 -12.61 -0.55 -10.30
C LEU A 251 -13.69 0.40 -10.81
N LYS A 252 -13.76 1.59 -10.24
CA LYS A 252 -14.77 2.58 -10.60
C LYS A 252 -14.26 3.67 -11.57
N ASP A 253 -13.04 3.55 -12.07
CA ASP A 253 -12.45 4.55 -12.96
C ASP A 253 -12.54 5.98 -12.41
N LEU A 254 -12.16 6.14 -11.14
CA LEU A 254 -12.14 7.46 -10.51
C LEU A 254 -11.00 8.38 -10.97
N LYS A 255 -9.87 7.82 -11.43
CA LYS A 255 -8.69 8.61 -11.84
C LYS A 255 -8.11 9.50 -10.67
N LYS A 256 -8.16 8.98 -9.44
CA LYS A 256 -7.55 9.65 -8.30
C LYS A 256 -6.03 9.66 -8.43
N VAL A 257 -5.41 10.74 -7.95
CA VAL A 257 -3.96 10.87 -7.85
C VAL A 257 -3.60 10.27 -6.47
N LEU A 258 -2.85 9.17 -6.45
CA LEU A 258 -2.52 8.44 -5.22
C LEU A 258 -1.05 8.04 -5.29
N ILE A 259 -0.30 8.18 -4.19
CA ILE A 259 1.15 7.88 -4.22
C ILE A 259 1.36 6.38 -3.99
N CYS A 260 1.95 5.70 -4.98
CA CYS A 260 2.15 4.26 -4.91
C CYS A 260 3.53 3.91 -5.50
N SER A 261 4.00 2.68 -5.23
CA SER A 261 5.25 2.17 -5.80
C SER A 261 4.98 1.65 -7.22
N THR A 262 5.78 2.13 -8.16
CA THR A 262 5.58 1.87 -9.59
C THR A 262 6.93 1.82 -10.30
N LEU A 263 6.96 1.21 -11.47
CA LEU A 263 8.22 1.10 -12.22
C LEU A 263 8.71 2.44 -12.75
N LEU A 264 9.93 2.80 -12.38
CA LEU A 264 10.49 4.09 -12.81
C LEU A 264 11.27 3.88 -14.12
N GLU A 265 11.07 4.78 -15.09
CA GLU A 265 11.74 4.67 -16.38
C GLU A 265 12.45 5.99 -16.74
N GLY A 266 13.24 6.54 -15.81
CA GLY A 266 13.93 7.80 -16.02
C GLY A 266 13.49 8.91 -15.08
N GLN A 267 12.30 8.81 -14.47
CA GLN A 267 11.84 9.85 -13.52
C GLN A 267 12.82 9.95 -12.35
N TYR A 268 13.15 11.17 -11.93
CA TYR A 268 14.09 11.40 -10.82
C TYR A 268 15.51 10.91 -11.17
N GLY A 269 15.75 10.63 -12.44
CA GLY A 269 17.05 10.08 -12.85
C GLY A 269 17.16 8.55 -12.70
N HIS A 270 16.10 7.87 -12.26
CA HIS A 270 16.15 6.43 -12.00
C HIS A 270 15.41 5.54 -12.99
N SER A 271 15.99 4.37 -13.28
CA SER A 271 15.38 3.37 -14.15
C SER A 271 15.58 1.98 -13.55
N ASP A 272 14.79 1.01 -14.04
CA ASP A 272 14.95 -0.41 -13.71
C ASP A 272 14.73 -0.79 -12.22
N ILE A 273 13.86 -0.02 -11.58
CA ILE A 273 13.56 -0.16 -10.16
C ILE A 273 12.16 0.42 -9.90
N PHE A 274 11.52 -0.01 -8.81
CA PHE A 274 10.21 0.55 -8.39
C PHE A 274 10.44 1.52 -7.24
N GLY A 275 9.64 2.58 -7.20
CA GLY A 275 9.74 3.56 -6.15
C GLY A 275 8.43 4.32 -6.01
N GLY A 276 8.24 4.93 -4.85
CA GLY A 276 7.02 5.69 -4.60
C GLY A 276 6.94 7.07 -5.24
N THR A 277 5.83 7.29 -5.97
CA THR A 277 5.56 8.59 -6.61
C THR A 277 4.03 8.72 -6.90
N PRO A 278 3.50 9.92 -7.00
CA PRO A 278 2.09 10.07 -7.38
C PRO A 278 1.82 9.46 -8.76
N VAL A 279 0.74 8.69 -8.84
CA VAL A 279 0.24 8.09 -10.07
C VAL A 279 -1.25 8.33 -10.18
N VAL A 280 -1.79 8.17 -11.40
CA VAL A 280 -3.24 8.27 -11.60
C VAL A 280 -3.80 6.85 -11.83
N LEU A 281 -4.74 6.41 -10.99
CA LEU A 281 -5.33 5.06 -11.11
C LEU A 281 -6.74 5.08 -11.65
N GLY A 282 -6.97 4.42 -12.79
CA GLY A 282 -8.30 4.29 -13.37
C GLY A 282 -8.48 2.96 -14.07
N ALA A 283 -9.49 2.87 -14.95
CA ALA A 283 -9.83 1.65 -15.71
C ALA A 283 -8.66 0.96 -16.42
N ASN A 284 -7.71 1.75 -16.89
CA ASN A 284 -6.53 1.24 -17.58
C ASN A 284 -5.34 1.00 -16.66
N GLY A 285 -5.59 0.97 -15.36
CA GLY A 285 -4.49 0.76 -14.41
C GLY A 285 -3.79 2.04 -14.07
N VAL A 286 -2.46 2.01 -14.11
CA VAL A 286 -1.62 3.16 -13.91
C VAL A 286 -1.72 3.93 -15.22
N GLU A 287 -2.53 4.98 -15.23
CA GLU A 287 -2.77 5.78 -16.46
C GLU A 287 -1.73 6.86 -16.69
N GLN A 288 -1.15 7.35 -15.60
CA GLN A 288 -0.15 8.39 -15.64
C GLN A 288 0.81 8.23 -14.45
N VAL A 289 2.10 8.41 -14.72
CA VAL A 289 3.13 8.48 -13.67
C VAL A 289 3.54 9.94 -13.56
N ILE A 290 3.33 10.54 -12.39
CA ILE A 290 3.65 11.96 -12.22
C ILE A 290 5.02 12.14 -11.57
N GLU A 291 5.87 12.95 -12.22
CA GLU A 291 7.21 13.24 -11.71
C GLU A 291 7.21 14.61 -11.01
N LEU A 292 7.44 14.61 -9.69
CA LEU A 292 7.52 15.88 -8.95
C LEU A 292 8.83 16.59 -9.36
N GLN A 293 8.77 17.91 -9.51
CA GLN A 293 9.94 18.69 -9.95
C GLN A 293 10.76 19.04 -8.71
N LEU A 294 11.38 18.02 -8.15
CA LEU A 294 12.18 18.13 -6.93
C LEU A 294 13.40 19.00 -7.08
N ASN A 295 13.83 19.64 -5.98
CA ASN A 295 15.10 20.37 -5.95
C ASN A 295 16.25 19.43 -5.61
N SER A 296 17.49 19.93 -5.55
CA SER A 296 18.63 18.99 -5.47
C SER A 296 18.72 18.35 -4.11
N GLU A 297 18.30 19.09 -3.09
CA GLU A 297 18.30 18.59 -1.72
C GLU A 297 17.27 17.47 -1.58
N GLU A 298 16.10 17.67 -2.19
CA GLU A 298 15.02 16.68 -2.17
C GLU A 298 15.43 15.46 -3.00
N LYS A 299 16.07 15.70 -4.14
CA LYS A 299 16.55 14.58 -5.00
C LYS A 299 17.57 13.72 -4.26
N ALA A 300 18.40 14.36 -3.44
CA ALA A 300 19.44 13.63 -2.73
C ALA A 300 18.81 12.63 -1.74
N LYS A 301 17.73 13.04 -1.08
CA LYS A 301 17.00 12.14 -0.17
C LYS A 301 16.32 11.01 -0.96
N PHE A 302 15.71 11.32 -2.10
CA PHE A 302 15.10 10.30 -2.95
C PHE A 302 16.16 9.24 -3.31
N ASP A 303 17.35 9.68 -3.67
CA ASP A 303 18.46 8.78 -4.05
C ASP A 303 18.81 7.83 -2.90
N GLU A 304 18.77 8.34 -1.68
CA GLU A 304 19.04 7.51 -0.49
C GLU A 304 18.00 6.40 -0.32
N ALA A 305 16.74 6.72 -0.58
CA ALA A 305 15.67 5.75 -0.48
C ALA A 305 15.80 4.63 -1.54
N ILE A 306 16.02 5.01 -2.80
CA ILE A 306 16.23 4.03 -3.87
C ILE A 306 17.44 3.13 -3.59
N ALA A 307 18.53 3.70 -3.04
CA ALA A 307 19.73 2.90 -2.70
C ALA A 307 19.44 1.75 -1.73
N GLU A 308 18.55 2.02 -0.77
CA GLU A 308 18.14 1.00 0.17
C GLU A 308 17.33 -0.15 -0.49
N THR A 309 16.39 0.17 -1.38
CA THR A 309 15.64 -0.83 -2.13
C THR A 309 16.61 -1.67 -2.97
N LYS A 310 17.59 -1.03 -3.58
CA LYS A 310 18.61 -1.71 -4.40
C LYS A 310 19.46 -2.66 -3.58
N ARG A 311 19.88 -2.20 -2.40
CA ARG A 311 20.65 -3.04 -1.49
C ARG A 311 19.91 -4.36 -1.14
N MET A 312 18.64 -4.26 -0.74
CA MET A 312 17.84 -5.44 -0.40
C MET A 312 17.50 -6.29 -1.64
N LYS A 313 17.27 -5.64 -2.78
CA LYS A 313 17.00 -6.35 -4.02
C LYS A 313 18.14 -7.34 -4.30
N ALA A 314 19.37 -6.89 -4.03
CA ALA A 314 20.59 -7.68 -4.22
C ALA A 314 20.63 -8.91 -3.29
N LEU A 315 20.22 -8.72 -2.04
CA LEU A 315 20.17 -9.81 -1.04
C LEU A 315 19.00 -10.82 -1.21
N ALA A 316 18.01 -10.50 -2.05
CA ALA A 316 16.86 -11.40 -2.28
C ALA A 316 17.20 -12.50 -3.28
PA NAI B . -0.60 -11.48 8.89
O1A NAI B . 0.53 -12.32 9.43
O2A NAI B . -1.75 -11.30 9.88
O5B NAI B . -1.11 -12.23 7.57
C5B NAI B . -0.30 -12.81 6.56
C4B NAI B . -0.91 -14.12 6.04
O4B NAI B . -0.16 -14.65 4.92
C3B NAI B . -0.98 -15.27 7.08
O3B NAI B . -2.34 -15.65 7.32
C2B NAI B . -0.17 -16.41 6.45
O2B NAI B . -0.67 -17.69 6.85
C1B NAI B . -0.35 -16.06 4.96
N9A NAI B . 0.53 -16.71 3.98
C8A NAI B . 1.83 -17.18 4.10
N7A NAI B . 2.22 -17.71 2.91
C5A NAI B . 1.18 -17.57 2.03
C6A NAI B . 1.00 -17.96 0.68
N6A NAI B . 1.94 -18.62 0.00
N1A NAI B . -0.20 -17.69 0.06
C2A NAI B . -1.23 -17.09 0.77
N3A NAI B . -1.07 -16.74 2.10
C4A NAI B . 0.12 -16.98 2.71
O3 NAI B . 0.11 -10.11 8.39
PN NAI B . -0.64 -8.69 8.03
O1N NAI B . -0.72 -7.89 9.30
O2N NAI B . -1.86 -8.99 7.29
O5D NAI B . 0.55 -8.06 7.14
C5D NAI B . 0.80 -8.59 5.85
C4D NAI B . 2.10 -8.08 5.18
O4D NAI B . 1.92 -6.72 4.82
C3D NAI B . 3.40 -8.10 6.01
O3D NAI B . 4.55 -8.53 5.25
C2D NAI B . 3.59 -6.65 6.40
O2D NAI B . 4.93 -6.41 6.76
C1D NAI B . 3.07 -5.94 5.14
N1N NAI B . 2.70 -4.47 5.25
C2N NAI B . 2.97 -3.57 4.29
C3N NAI B . 2.53 -2.29 4.46
C7N NAI B . 2.79 -1.39 3.32
O7N NAI B . 2.52 -0.02 3.46
N7N NAI B . 3.31 -1.94 2.21
C4N NAI B . 1.71 -1.98 5.53
C5N NAI B . 1.40 -2.99 6.45
C6N NAI B . 1.93 -4.31 6.32
O20 GAG C . 5.05 -1.43 6.69
C2 GAG C . 4.30 -2.03 7.54
C1 GAG C . 3.28 -1.39 8.40
COO GAG C . 2.90 0.04 8.44
O12 GAG C . 3.58 0.90 7.93
O11 GAG C . 1.87 0.30 9.04
C5 GAG C . 2.74 -2.43 9.16
O4 GAG C . 3.36 -3.61 8.79
N3 GAG C . 4.33 -3.35 7.82
C1 GOL D . -2.49 13.37 -4.00
O1 GOL D . -3.86 13.30 -4.32
C2 GOL D . -2.31 12.70 -2.66
O2 GOL D . -3.21 13.20 -1.70
C3 GOL D . -0.89 12.87 -2.16
O3 GOL D . -0.82 12.05 -1.03
#